data_4XKC
#
_entry.id   4XKC
#
_cell.length_a   32.849
_cell.length_b   64.026
_cell.length_c   106.144
_cell.angle_alpha   90.00
_cell.angle_beta   90.00
_cell.angle_gamma   90.00
#
_symmetry.space_group_name_H-M   'P 21 21 21'
#
loop_
_entity.id
_entity.type
_entity.pdbx_description
1 polymer 'Ycf53-like protein'
2 non-polymer 'Magnesium deuteroporphyrin IX'
3 water water
#
_entity_poly.entity_id   1
_entity_poly.type   'polypeptide(L)'
_entity_poly.pdbx_seq_one_letter_code
;MSDNLTELSQQLHDASEKKQLTAIAALAEMGEGGQGILLDYLAKNVPLEKPVLAVGNVYQTLRNLEQETITTQLQRNYPT
GIFPLQSAQGIDYLPLQEALGSQDFETADEITRDKLCELAGPGASQRQWLYFTEVEKFPALDLHTINALWWLHSNGNFGF
SVQRRLWLASGKEFTKLWPKIGWKSGNVWTRWPKGFTWDLSAPQGHLPLLNQLRGVRVAESLYRHPVWSQYGW
;
_entity_poly.pdbx_strand_id   A
#
# COMPACT_ATOMS: atom_id res chain seq x y z
N ASN A 4 -26.71 -6.20 -19.22
CA ASN A 4 -25.28 -6.02 -19.42
C ASN A 4 -24.59 -5.52 -18.14
N LEU A 5 -24.97 -4.33 -17.70
CA LEU A 5 -24.35 -3.69 -16.55
C LEU A 5 -24.59 -4.45 -15.25
N THR A 6 -25.80 -4.98 -15.08
CA THR A 6 -26.13 -5.76 -13.89
C THR A 6 -25.27 -7.03 -13.83
N GLU A 7 -25.02 -7.62 -14.99
CA GLU A 7 -24.14 -8.78 -15.08
C GLU A 7 -22.74 -8.43 -14.59
N LEU A 8 -22.26 -7.26 -15.00
CA LEU A 8 -20.97 -6.75 -14.55
C LEU A 8 -20.98 -6.49 -13.05
N SER A 9 -22.13 -6.07 -12.53
CA SER A 9 -22.28 -5.80 -11.10
C SER A 9 -22.08 -7.06 -10.28
N GLN A 10 -22.56 -8.18 -10.81
CA GLN A 10 -22.46 -9.46 -10.10
C GLN A 10 -21.06 -10.04 -10.17
N GLN A 11 -20.25 -9.53 -11.09
CA GLN A 11 -18.87 -9.97 -11.22
C GLN A 11 -17.97 -9.37 -10.15
N LEU A 12 -18.49 -8.37 -9.43
CA LEU A 12 -17.74 -7.74 -8.35
C LEU A 12 -17.43 -8.74 -7.25
N HIS A 13 -18.35 -9.69 -7.03
CA HIS A 13 -18.17 -10.72 -6.02
C HIS A 13 -17.65 -12.01 -6.64
N LYS A 19 -10.43 -11.39 -12.00
CA LYS A 19 -11.73 -11.40 -12.66
C LYS A 19 -12.55 -10.19 -12.24
N GLN A 20 -12.50 -9.88 -10.95
CA GLN A 20 -13.22 -8.73 -10.42
C GLN A 20 -12.72 -7.44 -11.06
N LEU A 21 -11.41 -7.37 -11.28
CA LEU A 21 -10.79 -6.18 -11.85
C LEU A 21 -11.27 -5.89 -13.27
N THR A 22 -11.45 -6.95 -14.06
CA THR A 22 -11.90 -6.79 -15.44
C THR A 22 -13.28 -6.14 -15.49
N ALA A 23 -14.17 -6.58 -14.59
CA ALA A 23 -15.51 -6.01 -14.48
C ALA A 23 -15.43 -4.54 -14.06
N ILE A 24 -14.57 -4.26 -13.09
CA ILE A 24 -14.36 -2.90 -12.60
C ILE A 24 -13.85 -1.99 -13.71
N ALA A 25 -12.87 -2.49 -14.46
CA ALA A 25 -12.31 -1.75 -15.58
C ALA A 25 -13.38 -1.48 -16.64
N ALA A 26 -14.20 -2.49 -16.92
CA ALA A 26 -15.27 -2.37 -17.89
C ALA A 26 -16.31 -1.33 -17.47
N LEU A 27 -16.75 -1.41 -16.22
CA LEU A 27 -17.75 -0.50 -15.68
C LEU A 27 -17.30 0.96 -15.73
N ALA A 28 -16.03 1.21 -15.43
CA ALA A 28 -15.51 2.57 -15.37
C ALA A 28 -15.43 3.22 -16.75
N GLU A 29 -15.39 2.39 -17.80
CA GLU A 29 -15.33 2.89 -19.16
C GLU A 29 -16.71 3.00 -19.79
N MET A 30 -17.75 2.76 -18.97
CA MET A 30 -19.12 2.78 -19.47
C MET A 30 -19.94 3.94 -18.93
N GLY A 31 -19.33 5.12 -18.89
CA GLY A 31 -20.04 6.35 -18.56
C GLY A 31 -20.68 6.39 -17.19
N GLU A 32 -21.68 7.25 -17.05
CA GLU A 32 -22.36 7.48 -15.78
C GLU A 32 -23.01 6.21 -15.23
N GLY A 33 -23.46 5.34 -16.12
CA GLY A 33 -24.11 4.11 -15.72
C GLY A 33 -23.19 3.18 -14.95
N GLY A 34 -22.07 2.84 -15.57
CA GLY A 34 -21.12 1.93 -14.94
C GLY A 34 -20.46 2.53 -13.71
N GLN A 35 -20.17 3.83 -13.78
CA GLN A 35 -19.57 4.54 -12.65
C GLN A 35 -20.53 4.67 -11.49
N GLY A 36 -21.83 4.80 -11.80
CA GLY A 36 -22.85 4.82 -10.78
C GLY A 36 -22.89 3.50 -10.05
N ILE A 37 -22.66 2.41 -10.78
CA ILE A 37 -22.59 1.08 -10.19
C ILE A 37 -21.39 0.96 -9.26
N LEU A 38 -20.24 1.43 -9.73
CA LEU A 38 -19.01 1.42 -8.92
C LEU A 38 -19.19 2.22 -7.65
N LEU A 39 -19.77 3.41 -7.77
CA LEU A 39 -19.99 4.29 -6.63
C LEU A 39 -20.91 3.62 -5.61
N ASP A 40 -21.94 2.95 -6.10
CA ASP A 40 -22.88 2.25 -5.23
C ASP A 40 -22.20 1.09 -4.53
N TYR A 41 -21.25 0.46 -5.21
CA TYR A 41 -20.51 -0.66 -4.64
C TYR A 41 -19.70 -0.22 -3.42
N LEU A 42 -19.07 0.95 -3.52
CA LEU A 42 -18.30 1.50 -2.41
C LEU A 42 -19.20 1.79 -1.22
N ALA A 43 -20.38 2.35 -1.50
CA ALA A 43 -21.33 2.70 -0.46
C ALA A 43 -21.77 1.49 0.35
N LYS A 44 -21.69 0.31 -0.25
CA LYS A 44 -22.09 -0.93 0.41
C LYS A 44 -20.95 -1.66 1.10
N ASN A 45 -19.73 -1.17 0.94
CA ASN A 45 -18.56 -1.87 1.47
C ASN A 45 -17.57 -0.99 2.23
N VAL A 46 -17.82 0.31 2.24
CA VAL A 46 -16.93 1.25 2.92
C VAL A 46 -17.65 1.84 4.13
N PRO A 47 -16.96 1.92 5.29
CA PRO A 47 -15.55 1.54 5.54
C PRO A 47 -15.30 0.04 5.63
N LEU A 48 -14.14 -0.38 5.14
CA LEU A 48 -13.71 -1.77 5.23
C LEU A 48 -13.46 -2.15 6.69
N GLU A 49 -13.71 -3.42 7.01
CA GLU A 49 -13.34 -3.95 8.31
C GLU A 49 -12.11 -4.83 8.14
N LYS A 50 -12.05 -5.50 7.00
CA LYS A 50 -10.84 -6.17 6.55
C LYS A 50 -10.51 -5.69 5.15
N PRO A 51 -9.22 -5.67 4.80
CA PRO A 51 -8.85 -5.25 3.44
C PRO A 51 -9.42 -6.17 2.36
N VAL A 52 -10.12 -5.59 1.41
CA VAL A 52 -10.66 -6.31 0.26
C VAL A 52 -10.18 -5.62 -1.00
N LEU A 53 -9.42 -6.34 -1.81
CA LEU A 53 -8.74 -5.74 -2.96
C LEU A 53 -9.71 -5.13 -3.97
N ALA A 54 -10.85 -5.79 -4.16
CA ALA A 54 -11.87 -5.31 -5.09
C ALA A 54 -12.33 -3.90 -4.72
N VAL A 55 -12.51 -3.66 -3.43
CA VAL A 55 -12.94 -2.36 -2.93
C VAL A 55 -11.87 -1.31 -3.19
N GLY A 56 -10.61 -1.68 -2.97
CA GLY A 56 -9.50 -0.80 -3.29
C GLY A 56 -9.43 -0.47 -4.76
N ASN A 57 -9.61 -1.49 -5.60
CA ASN A 57 -9.57 -1.31 -7.04
C ASN A 57 -10.70 -0.43 -7.56
N VAL A 58 -11.88 -0.57 -6.96
CA VAL A 58 -13.01 0.28 -7.33
C VAL A 58 -12.73 1.74 -7.00
N TYR A 59 -12.28 2.00 -5.77
CA TYR A 59 -11.95 3.35 -5.34
C TYR A 59 -10.88 3.97 -6.22
N GLN A 60 -9.82 3.21 -6.48
CA GLN A 60 -8.67 3.74 -7.19
C GLN A 60 -8.97 3.93 -8.68
N THR A 61 -9.74 3.02 -9.25
CA THR A 61 -10.15 3.14 -10.65
C THR A 61 -10.96 4.41 -10.85
N LEU A 62 -11.90 4.67 -9.94
CA LEU A 62 -12.70 5.89 -9.98
C LEU A 62 -11.81 7.14 -9.82
N ARG A 63 -10.90 7.10 -8.86
CA ARG A 63 -9.94 8.20 -8.67
C ARG A 63 -9.13 8.46 -9.94
N ASN A 64 -8.74 7.38 -10.61
CA ASN A 64 -7.88 7.48 -11.80
C ASN A 64 -8.56 8.08 -13.02
N LEU A 65 -9.89 8.13 -13.00
CA LEU A 65 -10.65 8.75 -14.09
C LEU A 65 -10.34 10.24 -14.15
N GLU A 66 -9.98 10.81 -13.00
CA GLU A 66 -9.66 12.23 -12.89
CA GLU A 66 -9.66 12.23 -12.90
C GLU A 66 -10.80 13.13 -13.37
N GLN A 67 -12.00 12.81 -12.95
CA GLN A 67 -13.17 13.63 -13.25
C GLN A 67 -13.56 14.35 -11.96
N GLU A 68 -13.75 15.66 -12.05
CA GLU A 68 -14.02 16.50 -10.88
C GLU A 68 -15.17 16.00 -10.03
N THR A 69 -16.29 15.69 -10.66
CA THR A 69 -17.49 15.28 -9.94
C THR A 69 -17.29 13.98 -9.18
N ILE A 70 -16.59 13.02 -9.81
CA ILE A 70 -16.29 11.76 -9.16
C ILE A 70 -15.35 11.97 -7.97
N THR A 71 -14.26 12.69 -8.21
CA THR A 71 -13.26 12.95 -7.19
C THR A 71 -13.84 13.70 -6.00
N THR A 72 -14.63 14.73 -6.29
CA THR A 72 -15.28 15.52 -5.25
C THR A 72 -16.21 14.65 -4.41
N GLN A 73 -17.00 13.81 -5.08
CA GLN A 73 -17.92 12.91 -4.39
C GLN A 73 -17.16 11.92 -3.51
N LEU A 74 -16.07 11.37 -4.05
CA LEU A 74 -15.24 10.43 -3.29
C LEU A 74 -14.64 11.09 -2.05
N GLN A 75 -14.17 12.32 -2.21
CA GLN A 75 -13.57 13.08 -1.11
C GLN A 75 -14.60 13.45 -0.07
N ARG A 76 -15.85 13.63 -0.52
CA ARG A 76 -16.93 14.02 0.37
C ARG A 76 -17.48 12.84 1.16
N ASN A 77 -17.66 11.72 0.47
CA ASN A 77 -18.19 10.51 1.11
C ASN A 77 -17.12 9.76 1.89
N TYR A 78 -15.89 9.78 1.37
CA TYR A 78 -14.78 9.05 1.96
C TYR A 78 -13.55 9.93 2.12
N PRO A 79 -13.62 10.90 3.06
CA PRO A 79 -12.55 11.89 3.22
C PRO A 79 -11.24 11.28 3.71
N THR A 80 -11.32 10.14 4.41
CA THR A 80 -10.11 9.46 4.88
C THR A 80 -9.86 8.15 4.13
N GLY A 81 -10.47 8.02 2.96
CA GLY A 81 -10.29 6.82 2.14
C GLY A 81 -11.28 5.73 2.52
N ILE A 82 -10.96 4.49 2.13
CA ILE A 82 -11.88 3.37 2.33
C ILE A 82 -11.50 2.48 3.51
N PHE A 83 -10.36 2.78 4.14
CA PHE A 83 -9.84 1.93 5.21
C PHE A 83 -9.56 2.76 6.47
N PRO A 84 -10.01 2.27 7.64
CA PRO A 84 -9.84 3.00 8.90
C PRO A 84 -8.37 3.29 9.19
N LEU A 85 -8.05 4.55 9.44
CA LEU A 85 -6.67 4.96 9.67
C LEU A 85 -6.29 4.80 11.13
N GLN A 86 -6.23 3.55 11.59
CA GLN A 86 -6.01 3.24 12.99
C GLN A 86 -4.53 3.21 13.37
N SER A 87 -4.24 3.67 14.58
CA SER A 87 -2.88 3.70 15.09
C SER A 87 -2.88 3.42 16.58
N ALA A 88 -1.99 2.54 17.01
CA ALA A 88 -1.87 2.23 18.44
C ALA A 88 -1.17 3.38 19.17
N GLN A 89 -0.64 4.32 18.41
CA GLN A 89 0.09 5.45 18.98
CA GLN A 89 0.07 5.45 18.99
C GLN A 89 -0.53 6.79 18.58
N GLY A 90 -1.71 6.76 17.97
CA GLY A 90 -2.42 7.97 17.61
C GLY A 90 -1.82 8.73 16.43
N ILE A 91 -1.02 8.04 15.64
CA ILE A 91 -0.39 8.62 14.45
C ILE A 91 -1.41 8.94 13.37
N ASP A 92 -1.18 10.04 12.65
CA ASP A 92 -2.05 10.45 11.55
C ASP A 92 -1.58 9.86 10.22
N TYR A 93 -2.40 9.00 9.63
CA TYR A 93 -2.04 8.33 8.38
C TYR A 93 -2.75 8.88 7.15
N LEU A 94 -3.49 9.97 7.32
CA LEU A 94 -4.18 10.58 6.19
C LEU A 94 -3.25 11.08 5.06
N PRO A 95 -2.14 11.76 5.41
CA PRO A 95 -1.22 12.15 4.33
C PRO A 95 -0.70 10.95 3.52
N LEU A 96 -0.54 9.80 4.15
CA LEU A 96 -0.15 8.60 3.44
C LEU A 96 -1.26 8.14 2.51
N GLN A 97 -2.48 8.08 3.03
CA GLN A 97 -3.64 7.71 2.22
C GLN A 97 -3.81 8.66 1.05
N GLU A 98 -3.62 9.95 1.30
CA GLU A 98 -3.79 10.96 0.27
C GLU A 98 -2.77 10.82 -0.86
N ALA A 99 -1.53 10.52 -0.50
CA ALA A 99 -0.48 10.30 -1.48
C ALA A 99 -0.77 9.06 -2.34
N LEU A 100 -1.18 7.97 -1.69
CA LEU A 100 -1.52 6.75 -2.41
C LEU A 100 -2.78 6.93 -3.27
N GLY A 101 -3.74 7.69 -2.75
CA GLY A 101 -4.96 7.98 -3.48
C GLY A 101 -4.68 8.77 -4.74
N SER A 102 -3.61 9.56 -4.71
CA SER A 102 -3.21 10.35 -5.86
CA SER A 102 -3.21 10.35 -5.86
C SER A 102 -2.21 9.58 -6.73
N GLN A 103 -1.90 8.36 -6.31
CA GLN A 103 -0.95 7.49 -6.99
C GLN A 103 0.44 8.13 -7.06
N ASP A 104 0.74 8.95 -6.06
CA ASP A 104 2.06 9.55 -5.91
C ASP A 104 2.89 8.63 -5.03
N PHE A 105 3.37 7.53 -5.61
CA PHE A 105 4.05 6.52 -4.83
C PHE A 105 5.38 6.99 -4.24
N GLU A 106 6.04 7.92 -4.92
CA GLU A 106 7.31 8.44 -4.39
C GLU A 106 7.08 9.18 -3.08
N THR A 107 6.06 10.03 -3.05
CA THR A 107 5.71 10.75 -1.84
C THR A 107 5.24 9.79 -0.76
N ALA A 108 4.41 8.82 -1.16
CA ALA A 108 3.90 7.81 -0.23
C ALA A 108 5.06 7.05 0.42
N ASP A 109 6.08 6.74 -0.38
CA ASP A 109 7.27 6.06 0.14
C ASP A 109 7.97 6.91 1.19
N GLU A 110 8.12 8.20 0.92
CA GLU A 110 8.77 9.13 1.84
C GLU A 110 8.00 9.23 3.15
N ILE A 111 6.68 9.35 3.04
CA ILE A 111 5.81 9.43 4.21
CA ILE A 111 5.80 9.43 4.20
C ILE A 111 5.91 8.17 5.06
N THR A 112 5.85 7.02 4.40
CA THR A 112 5.93 5.73 5.10
C THR A 112 7.22 5.61 5.91
N ARG A 113 8.33 6.01 5.31
CA ARG A 113 9.63 6.00 5.98
CA ARG A 113 9.62 6.00 5.99
C ARG A 113 9.61 6.91 7.21
N ASP A 114 9.04 8.10 7.05
CA ASP A 114 8.92 9.04 8.16
CA ASP A 114 8.90 9.05 8.16
C ASP A 114 7.98 8.51 9.25
N LYS A 115 6.89 7.87 8.84
CA LYS A 115 5.92 7.34 9.80
C LYS A 115 6.49 6.18 10.63
N LEU A 116 7.35 5.37 10.02
CA LEU A 116 7.96 4.25 10.75
C LEU A 116 8.89 4.76 11.85
N CYS A 117 9.62 5.83 11.57
CA CYS A 117 10.48 6.45 12.57
C CYS A 117 9.64 7.08 13.69
N GLU A 118 8.55 7.75 13.31
CA GLU A 118 7.63 8.33 14.28
C GLU A 118 7.04 7.25 15.17
N LEU A 119 6.69 6.13 14.56
CA LEU A 119 6.13 5.00 15.29
C LEU A 119 7.13 4.44 16.30
N ALA A 120 8.40 4.41 15.90
CA ALA A 120 9.45 3.84 16.74
C ALA A 120 9.76 4.71 17.96
N GLY A 121 9.52 6.02 17.85
CA GLY A 121 9.72 6.92 18.97
C GLY A 121 10.63 8.09 18.67
N PRO A 122 10.92 8.91 19.69
CA PRO A 122 11.76 10.11 19.59
C PRO A 122 13.18 9.79 19.14
N GLY A 123 13.70 8.65 19.59
CA GLY A 123 15.05 8.24 19.24
C GLY A 123 15.24 8.01 17.76
N ALA A 124 14.35 7.22 17.17
CA ALA A 124 14.39 6.96 15.74
C ALA A 124 13.98 8.20 14.95
N SER A 125 13.07 8.99 15.51
CA SER A 125 12.62 10.22 14.85
C SER A 125 13.75 11.23 14.75
N GLN A 126 14.62 11.23 15.74
CA GLN A 126 15.76 12.13 15.76
C GLN A 126 16.89 11.66 14.84
N ARG A 127 17.24 10.39 14.93
CA ARG A 127 18.35 9.87 14.13
C ARG A 127 17.89 9.58 12.70
N GLN A 128 16.59 9.51 12.50
CA GLN A 128 15.97 9.31 11.18
C GLN A 128 16.29 7.97 10.52
N TRP A 129 16.57 6.96 11.34
CA TRP A 129 16.61 5.57 10.88
C TRP A 129 16.31 4.62 12.04
N LEU A 130 16.05 3.37 11.70
CA LEU A 130 15.53 2.40 12.66
C LEU A 130 16.58 1.40 13.15
N TYR A 131 16.37 0.92 14.38
CA TYR A 131 17.08 -0.25 14.89
C TYR A 131 16.15 -1.44 14.69
N PHE A 132 16.72 -2.62 14.44
CA PHE A 132 15.89 -3.80 14.24
C PHE A 132 15.03 -4.14 15.47
N THR A 133 15.55 -3.84 16.66
CA THR A 133 14.81 -4.07 17.90
C THR A 133 13.56 -3.19 17.99
N GLU A 134 13.64 -1.98 17.47
CA GLU A 134 12.49 -1.09 17.43
C GLU A 134 11.43 -1.64 16.49
N VAL A 135 11.87 -2.26 15.39
CA VAL A 135 10.96 -2.86 14.43
C VAL A 135 10.21 -4.03 15.06
N GLU A 136 10.93 -4.83 15.84
CA GLU A 136 10.35 -5.97 16.53
C GLU A 136 9.25 -5.55 17.50
N LYS A 137 9.38 -4.34 18.04
CA LYS A 137 8.44 -3.84 19.05
C LYS A 137 7.34 -2.96 18.48
N PHE A 138 7.33 -2.78 17.15
CA PHE A 138 6.25 -2.08 16.48
C PHE A 138 4.91 -2.69 16.85
N PRO A 139 3.90 -1.84 17.11
CA PRO A 139 2.55 -2.38 17.27
C PRO A 139 2.01 -2.91 15.95
N ALA A 140 1.34 -4.05 15.99
CA ALA A 140 0.82 -4.71 14.79
C ALA A 140 -0.20 -3.84 14.08
N LEU A 141 -1.01 -3.11 14.84
CA LEU A 141 -2.09 -2.32 14.28
C LEU A 141 -1.60 -1.29 13.27
N ASP A 142 -0.54 -0.57 13.61
CA ASP A 142 0.01 0.45 12.73
C ASP A 142 0.58 -0.15 11.44
N LEU A 143 1.26 -1.28 11.56
CA LEU A 143 1.82 -1.95 10.39
C LEU A 143 0.70 -2.45 9.48
N HIS A 144 -0.39 -2.90 10.09
CA HIS A 144 -1.56 -3.36 9.35
C HIS A 144 -2.15 -2.21 8.52
N THR A 145 -2.37 -1.07 9.17
CA THR A 145 -2.92 0.11 8.51
C THR A 145 -2.04 0.55 7.35
N ILE A 146 -0.74 0.69 7.61
CA ILE A 146 0.22 1.11 6.60
C ILE A 146 0.25 0.15 5.41
N ASN A 147 0.37 -1.14 5.70
CA ASN A 147 0.41 -2.15 4.65
C ASN A 147 -0.90 -2.22 3.85
N ALA A 148 -2.02 -2.09 4.55
CA ALA A 148 -3.32 -2.13 3.90
C ALA A 148 -3.47 -1.01 2.88
N LEU A 149 -3.01 0.19 3.24
CA LEU A 149 -3.09 1.33 2.34
C LEU A 149 -2.28 1.11 1.07
N TRP A 150 -1.05 0.64 1.24
CA TRP A 150 -0.18 0.35 0.10
C TRP A 150 -0.81 -0.72 -0.80
N TRP A 151 -1.29 -1.78 -0.16
CA TRP A 151 -1.88 -2.92 -0.85
C TRP A 151 -3.16 -2.54 -1.60
N LEU A 152 -4.07 -1.85 -0.92
CA LEU A 152 -5.36 -1.48 -1.50
C LEU A 152 -5.25 -0.50 -2.66
N HIS A 153 -4.23 0.34 -2.63
CA HIS A 153 -4.08 1.40 -3.64
C HIS A 153 -3.05 1.06 -4.72
N SER A 154 -2.70 -0.22 -4.83
CA SER A 154 -1.73 -0.65 -5.82
C SER A 154 -2.14 -1.96 -6.49
N ASN A 155 -3.41 -2.33 -6.38
CA ASN A 155 -3.90 -3.61 -6.89
C ASN A 155 -3.10 -4.78 -6.32
N GLY A 156 -2.76 -4.68 -5.04
CA GLY A 156 -2.00 -5.72 -4.37
C GLY A 156 -0.54 -5.84 -4.81
N ASN A 157 -0.07 -4.88 -5.59
CA ASN A 157 1.30 -4.93 -6.11
C ASN A 157 2.35 -4.47 -5.09
N PHE A 158 1.98 -3.52 -4.24
CA PHE A 158 2.92 -2.96 -3.27
C PHE A 158 2.55 -3.32 -1.83
N GLY A 159 3.55 -3.31 -0.95
CA GLY A 159 3.31 -3.57 0.45
C GLY A 159 4.37 -4.49 1.06
N PHE A 160 4.59 -4.35 2.36
CA PHE A 160 5.54 -5.19 3.06
C PHE A 160 5.10 -6.65 3.06
N SER A 161 3.78 -6.85 3.09
CA SER A 161 3.21 -8.18 3.03
C SER A 161 3.57 -8.85 1.71
N VAL A 162 3.57 -8.06 0.64
CA VAL A 162 3.91 -8.54 -0.69
C VAL A 162 5.37 -8.96 -0.74
N GLN A 163 6.24 -8.09 -0.23
CA GLN A 163 7.67 -8.37 -0.16
C GLN A 163 7.95 -9.61 0.69
N ARG A 164 7.24 -9.71 1.82
CA ARG A 164 7.41 -10.83 2.74
C ARG A 164 7.09 -12.18 2.09
N ARG A 165 6.00 -12.23 1.32
CA ARG A 165 5.62 -13.47 0.66
C ARG A 165 6.60 -13.88 -0.44
N LEU A 166 7.13 -12.89 -1.15
CA LEU A 166 8.16 -13.16 -2.14
C LEU A 166 9.45 -13.63 -1.48
N TRP A 167 9.71 -13.10 -0.30
CA TRP A 167 10.87 -13.48 0.50
C TRP A 167 10.73 -14.93 0.96
N LEU A 168 9.52 -15.30 1.38
CA LEU A 168 9.22 -16.68 1.76
C LEU A 168 9.32 -17.59 0.54
N ALA A 169 8.94 -17.08 -0.61
CA ALA A 169 8.99 -17.85 -1.86
C ALA A 169 10.42 -17.90 -2.41
N SER A 170 11.34 -17.27 -1.70
CA SER A 170 12.74 -17.25 -2.10
C SER A 170 13.60 -18.01 -1.10
N GLY A 171 12.95 -18.80 -0.24
CA GLY A 171 13.65 -19.54 0.80
C GLY A 171 14.33 -18.62 1.80
N LYS A 172 13.74 -17.45 2.01
CA LYS A 172 14.27 -16.45 2.95
C LYS A 172 15.69 -15.99 2.61
N GLU A 173 16.08 -16.13 1.35
CA GLU A 173 17.37 -15.62 0.90
C GLU A 173 17.20 -14.23 0.29
N PHE A 174 17.73 -13.23 0.98
CA PHE A 174 17.58 -11.85 0.54
C PHE A 174 18.25 -11.57 -0.81
N THR A 175 19.34 -12.28 -1.09
CA THR A 175 20.03 -12.11 -2.37
C THR A 175 19.16 -12.54 -3.54
N LYS A 176 18.22 -13.45 -3.27
CA LYS A 176 17.27 -13.87 -4.28
C LYS A 176 16.09 -12.91 -4.32
N LEU A 177 15.82 -12.25 -3.20
CA LEU A 177 14.69 -11.34 -3.11
C LEU A 177 14.90 -10.04 -3.91
N TRP A 178 16.09 -9.45 -3.75
CA TRP A 178 16.37 -8.15 -4.38
C TRP A 178 16.08 -8.07 -5.89
N PRO A 179 16.56 -9.03 -6.69
CA PRO A 179 16.29 -8.92 -8.13
C PRO A 179 14.81 -9.10 -8.45
N LYS A 180 14.10 -9.89 -7.66
CA LYS A 180 12.68 -10.11 -7.87
C LYS A 180 11.90 -8.81 -7.73
N ILE A 181 12.23 -8.03 -6.72
CA ILE A 181 11.49 -6.80 -6.45
C ILE A 181 12.15 -5.55 -7.04
N GLY A 182 13.27 -5.75 -7.74
CA GLY A 182 13.90 -4.68 -8.49
C GLY A 182 14.85 -3.78 -7.72
N TRP A 183 15.33 -4.24 -6.57
CA TRP A 183 16.25 -3.45 -5.76
C TRP A 183 17.70 -3.72 -6.15
N LYS A 184 17.90 -4.77 -6.95
CA LYS A 184 19.21 -5.08 -7.51
CA LYS A 184 19.20 -5.09 -7.51
C LYS A 184 19.03 -5.62 -8.92
N SER A 185 19.96 -5.27 -9.79
CA SER A 185 19.94 -5.77 -11.16
C SER A 185 21.28 -6.44 -11.43
N GLY A 186 21.40 -7.68 -10.97
CA GLY A 186 22.67 -8.38 -11.04
C GLY A 186 23.54 -8.03 -9.84
N ASN A 187 24.68 -7.41 -10.11
CA ASN A 187 25.63 -7.07 -9.05
C ASN A 187 25.50 -5.60 -8.62
N VAL A 188 24.66 -4.86 -9.32
CA VAL A 188 24.49 -3.43 -9.03
C VAL A 188 23.18 -3.12 -8.31
N TRP A 189 23.28 -2.42 -7.19
CA TRP A 189 22.10 -1.99 -6.44
C TRP A 189 21.37 -0.89 -7.20
N THR A 190 20.04 -0.92 -7.14
CA THR A 190 19.23 0.14 -7.73
C THR A 190 19.52 1.43 -6.98
N ARG A 191 19.80 2.50 -7.72
CA ARG A 191 20.21 3.76 -7.11
C ARG A 191 19.01 4.63 -6.71
N TRP A 192 18.99 5.04 -5.45
CA TRP A 192 17.94 5.92 -4.96
C TRP A 192 18.31 7.37 -5.27
N PRO A 193 17.32 8.17 -5.72
CA PRO A 193 15.93 7.77 -5.94
C PRO A 193 15.58 7.51 -7.41
N LYS A 194 16.42 7.96 -8.34
CA LYS A 194 16.09 7.92 -9.76
C LYS A 194 16.02 6.52 -10.36
N GLY A 195 16.76 5.58 -9.78
CA GLY A 195 16.80 4.23 -10.31
C GLY A 195 15.52 3.44 -10.10
N PHE A 196 14.71 3.88 -9.14
CA PHE A 196 13.49 3.16 -8.78
C PHE A 196 12.30 3.56 -9.66
N THR A 197 11.32 2.67 -9.73
CA THR A 197 10.14 2.88 -10.56
C THR A 197 8.94 3.27 -9.70
N TRP A 198 8.52 4.53 -9.80
CA TRP A 198 7.48 5.05 -8.93
C TRP A 198 6.09 4.96 -9.53
N ASP A 199 5.78 3.85 -10.20
CA ASP A 199 4.45 3.61 -10.72
C ASP A 199 4.12 2.12 -10.76
N LEU A 200 2.94 1.78 -11.25
CA LEU A 200 2.46 0.40 -11.19
C LEU A 200 3.05 -0.52 -12.25
N SER A 201 3.97 0.01 -13.07
CA SER A 201 4.71 -0.84 -14.00
C SER A 201 5.88 -1.50 -13.27
N ALA A 202 6.14 -1.03 -12.05
CA ALA A 202 7.20 -1.59 -11.22
C ALA A 202 6.88 -3.05 -10.87
N PRO A 203 7.93 -3.86 -10.66
CA PRO A 203 7.71 -5.27 -10.30
C PRO A 203 6.95 -5.44 -8.98
N GLN A 204 6.37 -6.62 -8.79
CA GLN A 204 5.64 -6.92 -7.57
C GLN A 204 6.56 -6.79 -6.36
N GLY A 205 6.12 -6.02 -5.36
CA GLY A 205 6.88 -5.84 -4.13
C GLY A 205 7.92 -4.74 -4.18
N HIS A 206 7.93 -3.97 -5.27
CA HIS A 206 8.93 -2.91 -5.46
C HIS A 206 8.90 -1.86 -4.35
N LEU A 207 7.70 -1.55 -3.86
CA LEU A 207 7.51 -0.53 -2.83
C LEU A 207 6.73 -1.10 -1.65
N PRO A 208 6.91 -0.54 -0.45
CA PRO A 208 7.79 0.58 -0.07
C PRO A 208 9.26 0.17 0.02
N LEU A 209 10.16 1.14 -0.10
CA LEU A 209 11.58 0.87 -0.05
C LEU A 209 12.11 0.69 1.36
N LEU A 210 13.08 -0.21 1.51
CA LEU A 210 13.79 -0.40 2.77
C LEU A 210 15.28 -0.28 2.49
N ASN A 211 15.85 0.88 2.84
CA ASN A 211 17.27 1.16 2.60
C ASN A 211 18.17 0.08 3.17
N GLN A 212 19.10 -0.42 2.36
CA GLN A 212 19.99 -1.48 2.78
C GLN A 212 21.37 -0.97 3.19
N LEU A 213 21.48 0.35 3.34
CA LEU A 213 22.72 0.98 3.78
C LEU A 213 23.22 0.40 5.10
N ARG A 214 22.29 0.01 5.97
CA ARG A 214 22.66 -0.54 7.26
C ARG A 214 22.32 -2.03 7.41
N GLY A 215 22.30 -2.75 6.28
CA GLY A 215 22.08 -4.18 6.32
C GLY A 215 20.60 -4.58 6.30
N VAL A 216 20.36 -5.89 6.33
CA VAL A 216 19.02 -6.44 6.17
C VAL A 216 18.28 -6.61 7.49
N ARG A 217 18.91 -6.25 8.60
CA ARG A 217 18.36 -6.53 9.93
C ARG A 217 16.96 -5.94 10.14
N VAL A 218 16.78 -4.69 9.72
CA VAL A 218 15.48 -4.04 9.82
C VAL A 218 14.45 -4.78 8.95
N ALA A 219 14.82 -5.06 7.70
CA ALA A 219 13.93 -5.75 6.77
C ALA A 219 13.49 -7.12 7.30
N GLU A 220 14.44 -7.91 7.78
CA GLU A 220 14.12 -9.25 8.28
C GLU A 220 13.21 -9.17 9.50
N SER A 221 13.50 -8.25 10.40
CA SER A 221 12.68 -8.05 11.59
C SER A 221 11.25 -7.68 11.21
N LEU A 222 11.11 -6.87 10.16
CA LEU A 222 9.80 -6.44 9.69
C LEU A 222 9.03 -7.61 9.06
N TYR A 223 9.71 -8.39 8.24
CA TYR A 223 9.07 -9.52 7.58
C TYR A 223 8.67 -10.61 8.58
N ARG A 224 9.42 -10.70 9.67
CA ARG A 224 9.17 -11.71 10.70
C ARG A 224 8.21 -11.22 11.79
N HIS A 225 7.79 -9.97 11.70
CA HIS A 225 6.87 -9.38 12.67
C HIS A 225 5.55 -10.14 12.68
N PRO A 226 5.00 -10.43 13.87
CA PRO A 226 3.77 -11.23 14.00
C PRO A 226 2.54 -10.64 13.33
N VAL A 227 2.59 -9.38 12.90
CA VAL A 227 1.44 -8.72 12.29
C VAL A 227 0.88 -9.47 11.08
N TRP A 228 1.77 -10.00 10.25
CA TRP A 228 1.37 -10.60 8.99
C TRP A 228 0.49 -11.84 9.19
N SER A 229 0.89 -12.70 10.11
CA SER A 229 0.10 -13.89 10.42
CA SER A 229 0.10 -13.89 10.41
C SER A 229 -1.14 -13.52 11.21
N GLN A 230 -1.00 -12.55 12.11
CA GLN A 230 -2.10 -12.11 12.97
C GLN A 230 -3.26 -11.53 12.16
N TYR A 231 -2.96 -10.81 11.09
CA TYR A 231 -3.99 -10.16 10.29
C TYR A 231 -4.25 -10.85 8.96
N GLY A 232 -3.70 -12.04 8.80
CA GLY A 232 -3.96 -12.86 7.63
C GLY A 232 -3.35 -12.35 6.34
N TRP A 233 -2.17 -11.75 6.44
CA TRP A 233 -1.46 -11.27 5.25
C TRP A 233 -0.65 -12.38 4.59
#